data_2IDL
#
_entry.id   2IDL
#
_cell.length_a   52.665
_cell.length_b   62.359
_cell.length_c   63.415
_cell.angle_alpha   90.00
_cell.angle_beta   100.92
_cell.angle_gamma   90.00
#
_symmetry.space_group_name_H-M   'C 1 2 1'
#
loop_
_entity.id
_entity.type
_entity.pdbx_description
1 polymer 'Hypothetical protein'
2 non-polymer GLYCEROL
3 non-polymer 'SODIUM ION'
4 water water
#
_entity_poly.entity_id   1
_entity_poly.type   'polypeptide(L)'
_entity_poly.pdbx_seq_one_letter_code
;SNAMIQAVFERAEDGELRSAEITGHAESGEYGLDVVCASVSTLAINFINSIEKFAGYEPILELNEDEGGYLMVEIPKDLP
SHQREMTQLFFESFFLGMANLSENYSEFVQTRVITEN
;
_entity_poly.pdbx_strand_id   A,B
#
loop_
_chem_comp.id
_chem_comp.type
_chem_comp.name
_chem_comp.formula
GOL non-polymer GLYCEROL 'C3 H8 O3'
NA non-polymer 'SODIUM ION' 'Na 1'
#
# COMPACT_ATOMS: atom_id res chain seq x y z
N ALA A 3 -12.59 -1.18 -17.92
CA ALA A 3 -11.44 -0.91 -17.08
C ALA A 3 -10.33 -1.93 -17.33
N MET A 4 -9.60 -1.76 -18.44
CA MET A 4 -8.36 -2.50 -18.62
C MET A 4 -7.28 -1.60 -18.05
N ILE A 5 -6.71 -2.05 -16.95
CA ILE A 5 -5.60 -1.37 -16.33
C ILE A 5 -4.33 -2.08 -16.79
N GLN A 6 -3.37 -1.31 -17.28
CA GLN A 6 -2.06 -1.83 -17.67
C GLN A 6 -0.97 -1.13 -16.86
N ALA A 7 -0.07 -1.91 -16.26
CA ALA A 7 1.03 -1.41 -15.46
C ALA A 7 2.33 -1.97 -16.06
N VAL A 8 3.29 -1.10 -16.29
CA VAL A 8 4.63 -1.48 -16.77
C VAL A 8 5.69 -0.90 -15.86
N PHE A 9 6.50 -1.76 -15.25
CA PHE A 9 7.57 -1.33 -14.35
C PHE A 9 8.90 -1.51 -15.07
N GLU A 10 9.78 -0.53 -14.93
CA GLU A 10 11.08 -0.58 -15.60
C GLU A 10 12.19 -0.97 -14.62
N ARG A 11 12.99 -1.97 -15.00
CA ARG A 11 14.16 -2.38 -14.21
C ARG A 11 15.44 -2.16 -14.99
N ALA A 12 16.45 -1.63 -14.29
CA ALA A 12 17.80 -1.45 -14.82
C ALA A 12 18.50 -2.79 -14.96
N GLU A 13 19.70 -2.77 -15.55
CA GLU A 13 20.49 -3.98 -15.80
C GLU A 13 20.85 -4.76 -14.53
N ASP A 14 21.01 -4.05 -13.42
CA ASP A 14 21.33 -4.71 -12.14
C ASP A 14 20.08 -5.10 -11.35
N GLY A 15 18.91 -4.82 -11.90
CA GLY A 15 17.65 -5.16 -11.26
C GLY A 15 16.93 -4.03 -10.57
N GLU A 16 17.54 -2.86 -10.42
CA GLU A 16 16.87 -1.76 -9.73
C GLU A 16 15.65 -1.25 -10.49
N LEU A 17 14.57 -1.04 -9.76
CA LEU A 17 13.36 -0.45 -10.32
C LEU A 17 13.57 1.05 -10.54
N ARG A 18 13.21 1.52 -11.73
CA ARG A 18 13.44 2.90 -12.14
C ARG A 18 12.15 3.70 -12.37
N SER A 19 11.10 3.05 -12.85
CA SER A 19 9.84 3.74 -13.11
C SER A 19 8.67 2.79 -13.17
N ALA A 20 7.47 3.35 -13.02
CA ALA A 20 6.24 2.61 -13.32
C ALA A 20 5.28 3.50 -14.09
N GLU A 21 4.63 2.91 -15.07
CA GLU A 21 3.64 3.59 -15.89
C GLU A 21 2.34 2.80 -15.79
N ILE A 22 1.26 3.48 -15.42
CA ILE A 22 -0.02 2.84 -15.23
C ILE A 22 -1.08 3.60 -16.04
N THR A 23 -1.90 2.85 -16.76
CA THR A 23 -2.99 3.42 -17.54
C THR A 23 -4.29 2.69 -17.24
N GLY A 24 -5.41 3.40 -17.31
CA GLY A 24 -6.75 2.77 -17.28
C GLY A 24 -7.44 2.77 -15.92
N HIS A 25 -6.80 3.39 -14.93
CA HIS A 25 -7.26 3.32 -13.54
C HIS A 25 -8.15 4.50 -13.11
N ALA A 26 -8.52 5.38 -14.05
CA ALA A 26 -9.37 6.52 -13.70
C ALA A 26 -10.81 6.09 -13.43
N GLU A 27 -11.46 6.78 -12.50
CA GLU A 27 -12.89 6.62 -12.23
C GLU A 27 -13.64 7.12 -13.47
N SER A 28 -14.51 6.32 -14.09
CA SER A 28 -15.41 5.34 -13.48
C SER A 28 -15.36 4.04 -14.27
N GLY A 29 -15.80 2.97 -13.67
CA GLY A 29 -16.90 3.04 -12.73
C GLY A 29 -18.11 2.24 -13.13
N GLU A 30 -19.01 2.13 -12.18
CA GLU A 30 -18.86 2.74 -10.88
C GLU A 30 -18.62 1.79 -9.72
N TYR A 31 -18.41 0.50 -9.97
CA TYR A 31 -19.45 -0.41 -10.45
C TYR A 31 -18.87 -1.81 -10.43
N GLY A 32 -18.03 -2.09 -9.45
CA GLY A 32 -17.12 -3.22 -9.56
C GLY A 32 -15.73 -2.84 -10.00
N LEU A 33 -15.66 -2.07 -11.05
CA LEU A 33 -14.36 -1.66 -11.62
C LEU A 33 -13.69 -0.62 -10.74
N ASP A 34 -14.48 0.26 -10.14
CA ASP A 34 -13.92 1.31 -9.27
C ASP A 34 -13.24 0.75 -8.03
N VAL A 35 -13.63 -0.45 -7.62
CA VAL A 35 -12.93 -1.12 -6.52
C VAL A 35 -11.50 -1.51 -6.95
N VAL A 36 -11.36 -1.99 -8.17
CA VAL A 36 -10.05 -2.36 -8.70
C VAL A 36 -9.17 -1.11 -8.92
N CYS A 37 -9.77 -0.07 -9.47
CA CYS A 37 -9.09 1.20 -9.67
C CYS A 37 -8.63 1.79 -8.38
N ALA A 38 -9.47 1.69 -7.35
CA ALA A 38 -9.12 2.28 -6.06
C ALA A 38 -7.95 1.53 -5.45
N SER A 39 -7.92 0.21 -5.66
CA SER A 39 -6.78 -0.62 -5.19
C SER A 39 -5.47 -0.26 -5.87
N VAL A 40 -5.50 -0.10 -7.19
CA VAL A 40 -4.32 0.32 -7.95
C VAL A 40 -3.85 1.72 -7.52
N SER A 41 -4.78 2.66 -7.45
CA SER A 41 -4.45 4.05 -7.06
C SER A 41 -3.85 4.11 -5.68
N THR A 42 -4.37 3.28 -4.75
CA THR A 42 -3.88 3.26 -3.38
C THR A 42 -2.40 2.85 -3.34
N LEU A 43 -2.08 1.81 -4.09
CA LEU A 43 -0.68 1.36 -4.17
C LEU A 43 0.24 2.44 -4.75
N ALA A 44 -0.19 3.07 -5.85
CA ALA A 44 0.62 4.09 -6.53
C ALA A 44 0.82 5.31 -5.63
N ILE A 45 -0.28 5.80 -5.07
CA ILE A 45 -0.21 7.02 -4.26
C ILE A 45 0.56 6.78 -2.97
N ASN A 46 0.38 5.62 -2.33
CA ASN A 46 1.14 5.35 -1.11
C ASN A 46 2.63 5.20 -1.40
N PHE A 47 2.95 4.63 -2.57
CA PHE A 47 4.36 4.55 -3.02
C PHE A 47 4.96 5.94 -3.08
N ILE A 48 4.29 6.84 -3.81
CA ILE A 48 4.76 8.20 -3.97
C ILE A 48 4.87 8.88 -2.62
N ASN A 49 3.83 8.78 -1.80
CA ASN A 49 3.85 9.46 -0.48
C ASN A 49 4.95 8.91 0.44
N SER A 50 5.18 7.61 0.36
CA SER A 50 6.23 6.96 1.15
C SER A 50 7.64 7.42 0.78
N ILE A 51 7.89 7.58 -0.51
CA ILE A 51 9.17 8.11 -0.99
CA ILE A 51 9.17 8.12 -0.99
C ILE A 51 9.38 9.53 -0.45
N GLU A 52 8.36 10.37 -0.61
CA GLU A 52 8.45 11.75 -0.19
C GLU A 52 8.64 11.88 1.31
N LYS A 53 7.94 11.07 2.10
CA LYS A 53 8.02 11.19 3.56
C LYS A 53 9.28 10.55 4.11
N PHE A 54 9.56 9.34 3.69
CA PHE A 54 10.60 8.54 4.32
C PHE A 54 11.96 8.66 3.62
N ALA A 55 11.96 8.77 2.29
CA ALA A 55 13.20 8.93 1.53
C ALA A 55 13.63 10.39 1.36
N GLY A 56 12.71 11.35 1.49
CA GLY A 56 13.08 12.77 1.53
C GLY A 56 13.32 13.50 0.22
N TYR A 57 12.86 12.93 -0.89
CA TYR A 57 12.88 13.60 -2.19
C TYR A 57 11.56 13.37 -2.90
N GLU A 58 11.32 14.15 -3.95
CA GLU A 58 10.14 13.98 -4.79
C GLU A 58 10.47 13.15 -6.01
N PRO A 59 9.71 12.09 -6.26
CA PRO A 59 9.93 11.42 -7.54
C PRO A 59 9.37 12.25 -8.70
N ILE A 60 9.87 11.98 -9.90
CA ILE A 60 9.31 12.58 -11.13
CA ILE A 60 9.33 12.59 -11.12
C ILE A 60 7.99 11.93 -11.42
N LEU A 61 6.94 12.73 -11.58
N LEU A 61 6.94 12.75 -11.52
CA LEU A 61 5.60 12.20 -11.72
CA LEU A 61 5.58 12.27 -11.74
C LEU A 61 4.84 12.92 -12.82
C LEU A 61 4.97 12.93 -12.96
N GLU A 62 4.22 12.16 -13.73
CA GLU A 62 3.28 12.68 -14.71
C GLU A 62 1.93 12.03 -14.45
N LEU A 63 0.90 12.85 -14.27
CA LEU A 63 -0.46 12.40 -14.02
C LEU A 63 -1.37 13.02 -15.08
N ASN A 64 -2.23 12.21 -15.69
CA ASN A 64 -3.26 12.74 -16.56
C ASN A 64 -4.53 12.00 -16.23
N GLU A 65 -5.54 12.72 -15.74
CA GLU A 65 -6.82 12.09 -15.37
C GLU A 65 -7.66 11.68 -16.58
N ASP A 66 -7.35 12.24 -17.75
CA ASP A 66 -8.19 12.04 -18.93
C ASP A 66 -8.16 10.62 -19.49
N GLU A 67 -9.16 10.34 -20.32
CA GLU A 67 -9.26 9.11 -21.13
C GLU A 67 -8.70 7.86 -20.48
N GLY A 68 -9.26 7.53 -19.33
CA GLY A 68 -8.93 6.29 -18.63
C GLY A 68 -7.85 6.46 -17.59
N GLY A 69 -7.11 7.56 -17.67
CA GLY A 69 -6.09 7.89 -16.68
C GLY A 69 -4.71 7.39 -17.07
N TYR A 70 -3.71 8.16 -16.65
CA TYR A 70 -2.32 7.88 -16.95
C TYR A 70 -1.47 8.36 -15.77
N LEU A 71 -0.57 7.49 -15.31
CA LEU A 71 0.36 7.85 -14.25
C LEU A 71 1.71 7.27 -14.60
N MET A 72 2.75 8.11 -14.52
CA MET A 72 4.12 7.67 -14.68
CA MET A 72 4.13 7.68 -14.69
C MET A 72 4.94 8.26 -13.54
N VAL A 73 5.61 7.38 -12.79
CA VAL A 73 6.50 7.79 -11.70
C VAL A 73 7.92 7.26 -12.00
N GLU A 74 8.91 8.12 -11.85
CA GLU A 74 10.29 7.78 -12.18
C GLU A 74 11.20 8.27 -11.08
N ILE A 75 12.24 7.49 -10.77
CA ILE A 75 13.18 7.88 -9.73
C ILE A 75 14.29 8.70 -10.36
N PRO A 76 14.71 9.80 -9.68
CA PRO A 76 15.85 10.58 -10.15
C PRO A 76 17.11 9.70 -10.30
N LYS A 77 17.90 9.98 -11.33
CA LYS A 77 19.03 9.10 -11.69
C LYS A 77 20.17 9.07 -10.66
N ASP A 78 20.47 10.22 -10.05
CA ASP A 78 21.67 10.35 -9.24
C ASP A 78 21.44 10.29 -7.73
N LEU A 79 20.56 9.39 -7.28
CA LEU A 79 20.17 9.33 -5.87
C LEU A 79 21.32 8.90 -4.96
N PRO A 80 21.51 9.64 -3.87
CA PRO A 80 22.51 9.20 -2.92
C PRO A 80 22.10 7.87 -2.29
N SER A 81 23.09 7.14 -1.79
CA SER A 81 22.95 5.75 -1.40
C SER A 81 21.90 5.47 -0.32
N HIS A 82 21.82 6.34 0.68
CA HIS A 82 20.74 6.24 1.69
C HIS A 82 19.34 6.25 1.05
N GLN A 83 19.10 7.16 0.12
CA GLN A 83 17.80 7.26 -0.56
C GLN A 83 17.55 6.13 -1.59
N ARG A 84 18.63 5.63 -2.21
CA ARG A 84 18.50 4.63 -3.27
C ARG A 84 17.92 3.31 -2.73
N GLU A 85 18.50 2.81 -1.64
CA GLU A 85 18.10 1.54 -1.02
C GLU A 85 16.67 1.57 -0.49
N MET A 86 16.32 2.65 0.19
CA MET A 86 14.96 2.78 0.73
C MET A 86 13.94 2.83 -0.39
N THR A 87 14.27 3.59 -1.44
CA THR A 87 13.42 3.66 -2.61
C THR A 87 13.15 2.29 -3.18
N GLN A 88 14.18 1.45 -3.25
CA GLN A 88 14.02 0.12 -3.85
C GLN A 88 13.07 -0.78 -3.06
N LEU A 89 13.13 -0.72 -1.74
CA LEU A 89 12.23 -1.55 -0.91
C LEU A 89 10.78 -1.13 -1.16
N PHE A 90 10.54 0.18 -1.19
CA PHE A 90 9.19 0.69 -1.47
C PHE A 90 8.73 0.29 -2.86
N PHE A 91 9.64 0.38 -3.82
CA PHE A 91 9.32 0.13 -5.20
C PHE A 91 9.03 -1.38 -5.39
N GLU A 92 9.82 -2.25 -4.77
CA GLU A 92 9.54 -3.71 -4.81
C GLU A 92 8.17 -4.06 -4.20
N SER A 93 7.84 -3.40 -3.09
CA SER A 93 6.52 -3.57 -2.47
C SER A 93 5.38 -3.12 -3.40
N PHE A 94 5.56 -1.97 -4.06
CA PHE A 94 4.62 -1.44 -5.04
C PHE A 94 4.41 -2.47 -6.18
N PHE A 95 5.52 -3.00 -6.69
CA PHE A 95 5.46 -4.02 -7.74
C PHE A 95 4.75 -5.28 -7.27
N LEU A 96 5.13 -5.78 -6.10
CA LEU A 96 4.46 -6.95 -5.54
C LEU A 96 2.94 -6.74 -5.47
N GLY A 97 2.50 -5.61 -4.93
CA GLY A 97 1.06 -5.29 -4.87
C GLY A 97 0.37 -5.35 -6.21
N MET A 98 0.97 -4.73 -7.21
CA MET A 98 0.41 -4.71 -8.56
C MET A 98 0.42 -6.10 -9.18
N ALA A 99 1.51 -6.82 -8.99
CA ALA A 99 1.60 -8.21 -9.48
C ALA A 99 0.52 -9.08 -8.86
N ASN A 100 0.31 -8.94 -7.56
CA ASN A 100 -0.74 -9.71 -6.89
C ASN A 100 -2.14 -9.27 -7.30
N LEU A 101 -2.34 -7.97 -7.50
CA LEU A 101 -3.62 -7.51 -8.08
C LEU A 101 -3.85 -8.10 -9.47
N SER A 102 -2.80 -8.20 -10.27
CA SER A 102 -2.96 -8.77 -11.62
C SER A 102 -3.29 -10.25 -11.60
N GLU A 103 -2.91 -10.94 -10.52
CA GLU A 103 -3.33 -12.34 -10.35
C GLU A 103 -4.78 -12.42 -9.88
N ASN A 104 -5.10 -11.67 -8.83
CA ASN A 104 -6.43 -11.68 -8.22
C ASN A 104 -7.54 -11.08 -9.11
N TYR A 105 -7.18 -10.08 -9.92
CA TYR A 105 -8.08 -9.39 -10.84
C TYR A 105 -7.52 -9.45 -12.26
N SER A 106 -7.16 -10.66 -12.68
CA SER A 106 -6.45 -10.87 -13.95
C SER A 106 -7.25 -10.47 -15.19
N GLU A 107 -8.56 -10.34 -15.03
CA GLU A 107 -9.44 -9.87 -16.09
C GLU A 107 -9.47 -8.34 -16.23
N PHE A 108 -8.90 -7.63 -15.25
CA PHE A 108 -8.93 -6.16 -15.23
C PHE A 108 -7.56 -5.46 -15.14
N VAL A 109 -6.55 -6.15 -14.60
CA VAL A 109 -5.21 -5.59 -14.39
C VAL A 109 -4.14 -6.52 -14.95
N GLN A 110 -3.25 -5.93 -15.74
CA GLN A 110 -2.09 -6.61 -16.27
C GLN A 110 -0.84 -5.85 -15.82
N THR A 111 0.14 -6.56 -15.26
CA THR A 111 1.39 -5.94 -14.80
C THR A 111 2.56 -6.60 -15.53
N ARG A 112 3.43 -5.77 -16.09
CA ARG A 112 4.60 -6.24 -16.81
C ARG A 112 5.85 -5.50 -16.38
N VAL A 113 7.01 -6.07 -16.73
CA VAL A 113 8.31 -5.47 -16.46
C VAL A 113 9.08 -5.33 -17.76
N ILE A 114 9.63 -4.14 -17.95
CA ILE A 114 10.52 -3.87 -19.08
C ILE A 114 11.95 -3.71 -18.59
N THR A 115 12.87 -4.41 -19.24
CA THR A 115 14.25 -4.57 -18.76
C THR A 115 15.26 -4.46 -19.90
N SER B 1 -18.81 10.26 16.64
CA SER B 1 -19.16 8.89 16.35
C SER B 1 -17.95 8.10 15.89
N ASN B 2 -18.19 6.81 15.72
CA ASN B 2 -17.19 5.89 15.30
C ASN B 2 -17.42 5.47 13.86
N ALA B 3 -16.35 5.49 13.07
CA ALA B 3 -16.40 5.08 11.69
C ALA B 3 -16.55 3.62 11.55
N MET B 4 -17.08 3.18 10.43
CA MET B 4 -17.18 1.79 10.10
C MET B 4 -15.84 1.08 10.21
N ILE B 5 -14.82 1.65 9.61
CA ILE B 5 -13.51 1.01 9.59
C ILE B 5 -12.70 1.62 10.71
N GLN B 6 -12.07 0.78 11.52
CA GLN B 6 -11.28 1.22 12.67
C GLN B 6 -9.91 0.61 12.52
N ALA B 7 -8.87 1.41 12.73
CA ALA B 7 -7.50 0.93 12.58
C ALA B 7 -6.64 1.44 13.73
N VAL B 8 -6.10 0.51 14.53
CA VAL B 8 -5.27 0.90 15.67
C VAL B 8 -3.85 0.32 15.49
N PHE B 9 -2.87 1.21 15.54
CA PHE B 9 -1.47 0.86 15.40
C PHE B 9 -0.82 1.01 16.75
N GLU B 10 -0.16 -0.06 17.20
CA GLU B 10 0.53 -0.08 18.48
C GLU B 10 2.02 0.19 18.29
N ARG B 11 2.53 1.18 19.00
CA ARG B 11 3.93 1.52 18.97
C ARG B 11 4.59 1.32 20.30
N ALA B 12 5.76 0.70 20.30
CA ALA B 12 6.60 0.62 21.50
C ALA B 12 7.11 2.01 21.87
N GLU B 13 7.59 2.17 23.10
CA GLU B 13 8.15 3.45 23.58
C GLU B 13 9.36 3.94 22.79
N ASP B 14 10.06 3.02 22.13
CA ASP B 14 11.16 3.39 21.26
C ASP B 14 10.76 3.71 19.83
N GLY B 15 9.45 3.70 19.56
CA GLY B 15 8.91 4.01 18.23
C GLY B 15 8.61 2.82 17.35
N GLU B 16 9.05 1.64 17.77
CA GLU B 16 8.91 0.43 16.93
C GLU B 16 7.43 0.07 16.87
N LEU B 17 6.92 -0.17 15.67
CA LEU B 17 5.53 -0.58 15.46
C LEU B 17 5.42 -2.07 15.77
N ARG B 18 4.46 -2.41 16.64
CA ARG B 18 4.29 -3.77 17.18
C ARG B 18 3.12 -4.54 16.57
N SER B 19 2.04 -3.83 16.29
CA SER B 19 0.84 -4.47 15.78
C SER B 19 -0.11 -3.46 15.13
N ALA B 20 -1.00 -3.99 14.31
CA ALA B 20 -2.14 -3.27 13.74
C ALA B 20 -3.39 -4.13 13.85
N GLU B 21 -4.47 -3.51 14.35
CA GLU B 21 -5.77 -4.13 14.46
C GLU B 21 -6.74 -3.33 13.60
N ILE B 22 -7.33 -3.99 12.60
CA ILE B 22 -8.24 -3.32 11.67
CA ILE B 22 -8.22 -3.33 11.64
C ILE B 22 -9.57 -4.05 11.66
N THR B 23 -10.65 -3.29 11.79
CA THR B 23 -11.99 -3.86 11.76
C THR B 23 -12.89 -3.06 10.85
N GLY B 24 -13.86 -3.74 10.23
CA GLY B 24 -14.95 -3.06 9.53
C GLY B 24 -14.72 -2.95 8.04
N HIS B 25 -13.61 -3.50 7.59
CA HIS B 25 -13.12 -3.33 6.24
C HIS B 25 -13.58 -4.44 5.30
N ALA B 26 -14.39 -5.39 5.79
CA ALA B 26 -14.88 -6.45 4.92
C ALA B 26 -15.85 -5.87 3.91
N GLU B 27 -16.01 -6.56 2.78
CA GLU B 27 -16.69 -6.02 1.59
C GLU B 27 -18.19 -5.84 1.85
N SER B 28 -18.70 -4.59 1.75
CA SER B 28 -20.04 -4.27 2.25
C SER B 28 -20.83 -3.20 1.49
N GLY B 29 -20.86 -3.29 0.17
CA GLY B 29 -21.80 -2.51 -0.62
C GLY B 29 -21.44 -1.05 -0.85
N GLU B 30 -22.44 -0.18 -0.96
CA GLU B 30 -22.38 0.98 -1.84
C GLU B 30 -22.26 2.42 -1.35
N TYR B 31 -22.19 3.32 -2.32
CA TYR B 31 -21.93 4.74 -2.14
C TYR B 31 -20.81 5.07 -1.15
N GLY B 32 -19.59 4.75 -1.57
CA GLY B 32 -18.40 5.21 -0.88
C GLY B 32 -17.66 4.13 -0.13
N LEU B 33 -18.38 3.24 0.55
CA LEU B 33 -17.74 2.29 1.47
C LEU B 33 -16.85 1.28 0.73
N ASP B 34 -17.36 0.69 -0.35
CA ASP B 34 -16.67 -0.35 -1.10
C ASP B 34 -15.27 0.06 -1.54
N VAL B 35 -15.14 1.27 -2.10
CA VAL B 35 -13.82 1.73 -2.57
C VAL B 35 -12.85 2.01 -1.40
N VAL B 36 -13.36 2.47 -0.26
CA VAL B 36 -12.50 2.70 0.92
C VAL B 36 -12.08 1.35 1.53
N CYS B 37 -13.02 0.41 1.64
CA CYS B 37 -12.69 -0.96 2.05
C CYS B 37 -11.62 -1.59 1.17
N ALA B 38 -11.76 -1.44 -0.14
CA ALA B 38 -10.77 -1.96 -1.07
C ALA B 38 -9.40 -1.36 -0.84
N SER B 39 -9.36 -0.06 -0.55
CA SER B 39 -8.08 0.64 -0.33
C SER B 39 -7.42 0.17 0.96
N VAL B 40 -8.21 0.04 2.03
CA VAL B 40 -7.70 -0.44 3.31
C VAL B 40 -7.18 -1.87 3.16
N SER B 41 -7.97 -2.71 2.50
CA SER B 41 -7.63 -4.12 2.34
CA SER B 41 -7.62 -4.13 2.34
C SER B 41 -6.35 -4.28 1.51
N THR B 42 -6.22 -3.45 0.48
CA THR B 42 -5.04 -3.49 -0.37
C THR B 42 -3.79 -3.17 0.43
N LEU B 43 -3.85 -2.11 1.22
CA LEU B 43 -2.72 -1.75 2.08
C LEU B 43 -2.37 -2.86 3.09
N ALA B 44 -3.39 -3.42 3.71
CA ALA B 44 -3.20 -4.40 4.77
C ALA B 44 -2.62 -5.69 4.18
N ILE B 45 -3.20 -6.14 3.08
CA ILE B 45 -2.75 -7.37 2.48
C ILE B 45 -1.34 -7.21 1.85
N ASN B 46 -1.07 -6.07 1.24
CA ASN B 46 0.26 -5.87 0.69
C ASN B 46 1.32 -5.70 1.78
N PHE B 47 0.93 -5.16 2.93
CA PHE B 47 1.83 -5.07 4.09
C PHE B 47 2.30 -6.49 4.48
N ILE B 48 1.34 -7.38 4.68
CA ILE B 48 1.61 -8.76 5.07
C ILE B 48 2.43 -9.48 4.00
N ASN B 49 2.00 -9.35 2.75
CA ASN B 49 2.68 -10.00 1.66
C ASN B 49 4.12 -9.51 1.46
N SER B 50 4.36 -8.21 1.71
CA SER B 50 5.70 -7.63 1.61
C SER B 50 6.61 -8.14 2.74
N ILE B 51 6.08 -8.24 3.96
CA ILE B 51 6.85 -8.83 5.06
C ILE B 51 7.26 -10.24 4.68
N GLU B 52 6.29 -11.03 4.23
CA GLU B 52 6.58 -12.43 3.95
C GLU B 52 7.59 -12.62 2.82
N LYS B 53 7.47 -11.81 1.77
CA LYS B 53 8.33 -11.94 0.59
C LYS B 53 9.69 -11.33 0.81
N PHE B 54 9.73 -10.12 1.35
CA PHE B 54 10.98 -9.36 1.44
C PHE B 54 11.71 -9.51 2.77
N ALA B 55 10.97 -9.50 3.87
CA ALA B 55 11.56 -9.72 5.19
C ALA B 55 11.80 -11.21 5.47
N GLY B 56 11.05 -12.09 4.82
CA GLY B 56 11.31 -13.52 4.85
C GLY B 56 10.88 -14.25 6.12
N TYR B 57 9.83 -13.75 6.77
CA TYR B 57 9.21 -14.47 7.89
C TYR B 57 7.72 -14.24 7.83
N GLU B 58 6.98 -15.02 8.61
CA GLU B 58 5.53 -14.87 8.69
C GLU B 58 5.15 -14.20 10.00
N PRO B 59 4.39 -13.10 9.92
CA PRO B 59 3.97 -12.44 11.14
C PRO B 59 2.82 -13.20 11.78
N ILE B 60 2.51 -12.80 13.01
CA ILE B 60 1.41 -13.38 13.77
C ILE B 60 0.16 -12.70 13.20
N LEU B 61 -0.82 -13.51 12.83
CA LEU B 61 -2.02 -13.03 12.13
CA LEU B 61 -2.01 -13.02 12.14
C LEU B 61 -3.30 -13.64 12.72
N GLU B 62 -4.33 -12.81 12.86
CA GLU B 62 -5.69 -13.29 13.16
C GLU B 62 -6.64 -12.57 12.22
N LEU B 63 -7.46 -13.35 11.51
CA LEU B 63 -8.32 -12.87 10.46
C LEU B 63 -9.70 -13.48 10.56
N ASN B 64 -10.69 -12.71 10.14
CA ASN B 64 -12.06 -13.18 10.04
C ASN B 64 -12.80 -12.15 9.20
N GLU B 65 -13.40 -12.58 8.11
CA GLU B 65 -14.38 -11.74 7.40
C GLU B 65 -15.77 -11.54 7.97
N ASP B 66 -16.12 -12.18 9.06
CA ASP B 66 -17.50 -12.31 9.55
C ASP B 66 -18.20 -11.08 10.02
N GLU B 67 -17.89 -10.53 11.17
CA GLU B 67 -18.69 -9.39 11.57
C GLU B 67 -18.26 -8.04 10.99
N GLY B 68 -18.17 -7.92 9.67
CA GLY B 68 -17.60 -6.73 9.08
C GLY B 68 -16.11 -6.71 8.92
N GLY B 69 -15.45 -7.80 9.26
CA GLY B 69 -14.03 -7.97 8.97
C GLY B 69 -13.16 -7.67 10.16
N TYR B 70 -12.16 -8.53 10.36
CA TYR B 70 -11.22 -8.41 11.46
C TYR B 70 -9.83 -8.85 11.01
N LEU B 71 -8.83 -8.01 11.27
CA LEU B 71 -7.46 -8.33 10.92
C LEU B 71 -6.60 -7.81 12.05
N MET B 72 -5.79 -8.70 12.62
CA MET B 72 -4.76 -8.32 13.59
CA MET B 72 -4.78 -8.32 13.58
C MET B 72 -3.44 -8.92 13.13
N VAL B 73 -2.45 -8.05 12.92
CA VAL B 73 -1.11 -8.44 12.53
C VAL B 73 -0.16 -7.97 13.62
N GLU B 74 0.67 -8.89 14.11
CA GLU B 74 1.55 -8.63 15.24
C GLU B 74 2.94 -9.09 14.84
N ILE B 75 3.94 -8.28 15.17
CA ILE B 75 5.33 -8.57 14.80
C ILE B 75 5.93 -9.45 15.91
N PRO B 76 6.54 -10.59 15.52
CA PRO B 76 7.21 -11.45 16.48
C PRO B 76 8.29 -10.69 17.27
N LYS B 77 8.47 -11.05 18.53
CA LYS B 77 9.56 -10.47 19.32
C LYS B 77 10.87 -11.07 18.87
N ASP B 78 11.94 -10.31 19.10
CA ASP B 78 13.30 -10.82 18.92
C ASP B 78 13.65 -11.16 17.48
N LEU B 79 13.10 -10.39 16.54
CA LEU B 79 13.45 -10.56 15.14
C LEU B 79 14.89 -10.12 14.90
N PRO B 80 15.59 -10.77 13.96
CA PRO B 80 16.91 -10.30 13.58
C PRO B 80 16.79 -8.92 12.94
N SER B 81 17.85 -8.14 13.06
CA SER B 81 17.82 -6.72 12.64
C SER B 81 17.30 -6.49 11.24
N HIS B 82 17.74 -7.26 10.24
CA HIS B 82 17.29 -6.98 8.87
C HIS B 82 15.76 -7.14 8.70
N GLN B 83 15.19 -8.14 9.37
CA GLN B 83 13.76 -8.38 9.39
C GLN B 83 13.04 -7.28 10.15
N ARG B 84 13.63 -6.82 11.25
CA ARG B 84 13.06 -5.71 11.99
C ARG B 84 12.95 -4.47 11.12
N GLU B 85 14.07 -4.13 10.48
CA GLU B 85 14.18 -2.87 9.72
C GLU B 85 13.30 -2.84 8.50
N MET B 86 13.24 -3.95 7.76
CA MET B 86 12.35 -4.02 6.63
C MET B 86 10.89 -3.96 7.10
N THR B 87 10.56 -4.73 8.14
CA THR B 87 9.21 -4.68 8.69
C THR B 87 8.82 -3.23 9.07
N GLN B 88 9.71 -2.53 9.76
N GLN B 88 9.71 -2.51 9.75
CA GLN B 88 9.40 -1.17 10.21
CA GLN B 88 9.35 -1.16 10.21
C GLN B 88 9.13 -0.28 9.01
C GLN B 88 9.22 -0.20 9.04
N LEU B 89 9.95 -0.43 7.96
CA LEU B 89 9.80 0.38 6.76
C LEU B 89 8.42 0.15 6.15
N PHE B 90 8.06 -1.10 5.94
CA PHE B 90 6.72 -1.39 5.43
C PHE B 90 5.59 -0.95 6.37
N PHE B 91 5.81 -1.09 7.68
CA PHE B 91 4.80 -0.77 8.68
C PHE B 91 4.55 0.74 8.69
N GLU B 92 5.62 1.53 8.60
CA GLU B 92 5.47 2.97 8.52
C GLU B 92 4.69 3.38 7.27
N SER B 93 4.94 2.71 6.16
CA SER B 93 4.22 2.97 4.90
C SER B 93 2.73 2.61 5.03
N PHE B 94 2.46 1.47 5.66
CA PHE B 94 1.08 1.04 5.95
C PHE B 94 0.35 2.06 6.83
N PHE B 95 1.01 2.50 7.91
CA PHE B 95 0.43 3.53 8.76
C PHE B 95 0.15 4.83 7.98
N LEU B 96 1.13 5.27 7.19
CA LEU B 96 0.95 6.48 6.40
C LEU B 96 -0.26 6.37 5.48
N GLY B 97 -0.36 5.23 4.82
CA GLY B 97 -1.50 4.97 3.95
C GLY B 97 -2.82 5.07 4.66
N MET B 98 -2.90 4.48 5.84
CA MET B 98 -4.13 4.52 6.63
C MET B 98 -4.41 5.90 7.21
N ALA B 99 -3.37 6.55 7.68
CA ALA B 99 -3.50 7.91 8.15
C ALA B 99 -4.04 8.83 7.03
N ASN B 100 -3.51 8.69 5.80
CA ASN B 100 -3.98 9.51 4.68
C ASN B 100 -5.42 9.16 4.25
N LEU B 101 -5.77 7.88 4.28
CA LEU B 101 -7.17 7.50 4.09
C LEU B 101 -8.11 8.09 5.15
N SER B 102 -7.66 8.15 6.38
CA SER B 102 -8.47 8.69 7.47
CA SER B 102 -8.47 8.70 7.46
C SER B 102 -8.58 10.21 7.37
N GLU B 103 -7.59 10.85 6.74
CA GLU B 103 -7.66 12.30 6.52
C GLU B 103 -8.62 12.65 5.39
N ASN B 104 -8.59 11.87 4.32
CA ASN B 104 -9.30 12.20 3.10
C ASN B 104 -10.69 11.55 2.99
N TYR B 105 -10.89 10.45 3.73
CA TYR B 105 -12.17 9.72 3.78
C TYR B 105 -12.58 9.50 5.23
N SER B 106 -12.52 10.59 5.99
CA SER B 106 -12.68 10.60 7.43
C SER B 106 -14.03 10.12 7.96
N GLU B 107 -15.06 10.11 7.12
CA GLU B 107 -16.34 9.54 7.54
C GLU B 107 -16.37 8.01 7.42
N PHE B 108 -15.33 7.40 6.81
CA PHE B 108 -15.28 5.95 6.58
C PHE B 108 -14.23 5.21 7.44
N VAL B 109 -13.13 5.89 7.73
CA VAL B 109 -11.98 5.27 8.41
CA VAL B 109 -12.06 5.23 8.45
C VAL B 109 -11.41 6.17 9.49
N GLN B 110 -11.12 5.58 10.64
CA GLN B 110 -10.39 6.25 11.73
C GLN B 110 -9.14 5.44 12.05
N THR B 111 -8.03 6.14 12.15
CA THR B 111 -6.73 5.56 12.41
C THR B 111 -6.13 6.23 13.63
N ARG B 112 -5.69 5.40 14.58
CA ARG B 112 -5.15 5.88 15.85
C ARG B 112 -3.88 5.11 16.19
N VAL B 113 -3.01 5.77 16.97
CA VAL B 113 -1.86 5.06 17.54
C VAL B 113 -2.08 4.90 19.06
N ILE B 114 -1.73 3.73 19.57
CA ILE B 114 -1.68 3.46 21.00
C ILE B 114 -0.24 3.04 21.37
N THR B 115 0.10 3.20 22.65
CA THR B 115 1.39 2.72 23.12
C THR B 115 1.26 1.27 23.58
N GLU B 116 2.40 0.58 23.53
CA GLU B 116 2.53 -0.78 24.02
C GLU B 116 2.55 -0.78 25.55
C1 GOL C . 3.11 15.92 -5.57
O1 GOL C . 1.72 15.90 -5.82
C2 GOL C . 3.54 17.34 -5.28
O2 GOL C . 3.85 17.98 -6.50
C3 GOL C . 4.73 17.39 -4.34
O3 GOL C . 5.69 16.39 -4.68
NA NA D . 12.94 -2.11 20.08
#